data_3RK0
#
_entry.id   3RK0
#
_cell.length_a   85.201
_cell.length_b   85.201
_cell.length_c   74.249
_cell.angle_alpha   90.00
_cell.angle_beta   90.00
_cell.angle_gamma   90.00
#
_symmetry.space_group_name_H-M   'P 41 21 2'
#
loop_
_entity.id
_entity.type
_entity.pdbx_description
1 polymer 'N-type ATP pyrophosphatase superfamily'
2 non-polymer 'ADENOSINE MONOPHOSPHATE'
3 water water
#
_entity_poly.entity_id   1
_entity_poly.type   'polypeptide(L)'
_entity_poly.pdbx_seq_one_letter_code
;(MSE)VGLADVAVLYSGGKDSNYALYWAIKNRFSVKFLVT(MSE)VSENEESY(MSE)YHTINANLTDLQARALGIPLVK
GFTQGEKEKEVEDLKRVLSGLKIQGIVAGALASKYQRKRIEKVAKELGLEVYTPAWGRDAKEY(MSE)RELLNLGFKI
(MSE)VVGVSAYGLDESWLGRILDESALEELITLNEKYKVHVAGEGGEFETFVLD(MSE)PLFKYKIVVDKAKKVWEPCT
SSGKLIIEEAHLESKLEHHHHHH
;
_entity_poly.pdbx_strand_id   A
#
loop_
_chem_comp.id
_chem_comp.type
_chem_comp.name
_chem_comp.formula
AMP non-polymer 'ADENOSINE MONOPHOSPHATE' 'C10 H14 N5 O7 P'
#
# COMPACT_ATOMS: atom_id res chain seq x y z
N LEU A 4 -21.79 11.94 -0.64
CA LEU A 4 -20.39 12.41 -0.85
C LEU A 4 -19.45 11.60 0.04
N ALA A 5 -20.03 10.77 0.90
CA ALA A 5 -19.27 9.93 1.82
C ALA A 5 -18.78 8.66 1.09
N ASP A 6 -19.49 8.27 0.03
CA ASP A 6 -19.16 7.08 -0.76
C ASP A 6 -17.88 7.29 -1.55
N VAL A 7 -16.89 6.43 -1.32
CA VAL A 7 -15.61 6.55 -2.00
C VAL A 7 -14.94 5.23 -2.29
N ALA A 8 -13.89 5.28 -3.09
CA ALA A 8 -13.12 4.11 -3.42
C ALA A 8 -11.68 4.43 -3.07
N VAL A 9 -11.01 3.48 -2.41
CA VAL A 9 -9.61 3.68 -2.03
C VAL A 9 -8.68 3.00 -3.05
N LEU A 10 -7.69 3.73 -3.58
CA LEU A 10 -6.74 3.15 -4.52
C LEU A 10 -5.82 2.33 -3.62
N TYR A 11 -6.01 1.01 -3.64
CA TYR A 11 -5.28 0.09 -2.79
C TYR A 11 -4.29 -0.80 -3.54
N SER A 12 -3.00 -0.64 -3.26
CA SER A 12 -1.99 -1.45 -3.93
C SER A 12 -1.33 -2.39 -2.92
N GLY A 13 -1.74 -2.30 -1.67
CA GLY A 13 -1.24 -3.20 -0.63
C GLY A 13 -0.17 -2.76 0.36
N GLY A 14 0.53 -1.67 0.06
CA GLY A 14 1.58 -1.20 0.94
C GLY A 14 1.12 -0.37 2.12
N LYS A 15 2.08 0.11 2.90
CA LYS A 15 1.78 0.91 4.08
C LYS A 15 0.87 2.11 3.87
N ASP A 16 1.10 2.89 2.80
CA ASP A 16 0.29 4.08 2.54
C ASP A 16 -1.13 3.81 2.04
N SER A 17 -1.30 2.78 1.21
CA SER A 17 -2.63 2.43 0.72
C SER A 17 -3.43 2.09 1.96
N ASN A 18 -2.81 1.32 2.84
CA ASN A 18 -3.50 0.92 4.06
C ASN A 18 -3.73 2.08 5.01
N TYR A 19 -2.80 3.00 5.07
CA TYR A 19 -2.99 4.17 5.91
C TYR A 19 -4.13 4.99 5.32
N ALA A 20 -4.17 5.10 3.99
CA ALA A 20 -5.23 5.85 3.32
C ALA A 20 -6.60 5.27 3.67
N LEU A 21 -6.65 3.94 3.75
CA LEU A 21 -7.87 3.18 4.10
C LEU A 21 -8.26 3.44 5.55
N TYR A 22 -7.28 3.37 6.43
CA TYR A 22 -7.53 3.61 7.84
C TYR A 22 -8.01 5.07 8.01
N TRP A 23 -7.27 6.01 7.44
CA TRP A 23 -7.64 7.41 7.50
C TRP A 23 -9.10 7.62 7.03
N ALA A 24 -9.44 7.09 5.85
CA ALA A 24 -10.79 7.21 5.31
C ALA A 24 -11.86 6.67 6.26
N ILE A 25 -11.67 5.44 6.76
CA ILE A 25 -12.64 4.84 7.67
C ILE A 25 -12.79 5.70 8.93
N LYS A 26 -11.66 6.14 9.50
CA LYS A 26 -11.69 6.94 10.70
C LYS A 26 -12.35 8.30 10.52
N ASN A 27 -12.24 8.87 9.31
CA ASN A 27 -12.86 10.16 9.04
C ASN A 27 -14.30 10.02 8.57
N ARG A 28 -14.97 8.96 9.01
CA ARG A 28 -16.37 8.71 8.70
C ARG A 28 -16.73 8.44 7.23
N PHE A 29 -15.73 8.28 6.38
CA PHE A 29 -16.00 8.00 4.97
C PHE A 29 -16.59 6.62 4.82
N SER A 30 -17.35 6.45 3.76
CA SER A 30 -17.97 5.17 3.49
C SER A 30 -17.21 4.53 2.35
N VAL A 31 -16.25 3.67 2.68
CA VAL A 31 -15.44 3.00 1.68
C VAL A 31 -16.25 1.88 1.04
N LYS A 32 -16.78 2.13 -0.15
CA LYS A 32 -17.58 1.14 -0.84
C LYS A 32 -16.71 0.10 -1.56
N PHE A 33 -15.50 0.49 -1.97
CA PHE A 33 -14.61 -0.39 -2.70
C PHE A 33 -13.11 -0.06 -2.52
N LEU A 34 -12.26 -1.06 -2.75
CA LEU A 34 -10.81 -0.91 -2.74
C LEU A 34 -10.56 -1.15 -4.24
N VAL A 35 -9.63 -0.41 -4.84
CA VAL A 35 -9.35 -0.55 -6.26
C VAL A 35 -7.88 -0.82 -6.51
N THR A 36 -7.59 -1.92 -7.18
CA THR A 36 -6.23 -2.29 -7.47
C THR A 36 -6.06 -2.42 -8.98
N MSE A 37 -5.01 -1.83 -9.54
CA MSE A 37 -4.80 -1.98 -10.96
C MSE A 37 -3.68 -2.98 -11.22
O MSE A 37 -2.61 -2.92 -10.60
CB MSE A 37 -4.51 -0.63 -11.63
CG MSE A 37 -5.65 0.39 -11.56
SE MSE A 37 -7.33 -0.18 -12.43
CE MSE A 37 -6.70 -0.14 -14.28
N VAL A 38 -3.94 -3.94 -12.11
CA VAL A 38 -2.98 -4.97 -12.46
C VAL A 38 -2.52 -4.80 -13.90
N SER A 39 -1.22 -4.64 -14.08
CA SER A 39 -0.66 -4.46 -15.41
C SER A 39 0.21 -5.67 -15.77
N GLU A 40 0.28 -5.96 -17.06
CA GLU A 40 1.09 -7.07 -17.57
C GLU A 40 2.56 -6.70 -17.42
N ASN A 41 2.79 -5.44 -17.05
CA ASN A 41 4.14 -4.93 -16.87
C ASN A 41 4.82 -5.55 -15.65
N GLU A 42 4.17 -6.53 -15.03
CA GLU A 42 4.72 -7.19 -13.85
C GLU A 42 3.93 -8.46 -13.51
N MSE A 46 0.08 -13.31 -14.65
CA MSE A 46 0.54 -14.32 -15.61
C MSE A 46 0.78 -15.67 -14.94
O MSE A 46 0.92 -16.69 -15.63
CB MSE A 46 1.83 -13.84 -16.29
CG MSE A 46 2.02 -14.40 -17.69
SE MSE A 46 0.75 -13.68 -19.00
CE MSE A 46 1.39 -14.63 -20.59
N TYR A 47 0.83 -15.69 -13.61
CA TYR A 47 1.05 -16.91 -12.86
C TYR A 47 -0.08 -17.22 -11.88
N HIS A 48 0.13 -18.28 -11.09
CA HIS A 48 -0.84 -18.73 -10.10
C HIS A 48 -0.49 -18.33 -8.68
N THR A 49 0.77 -17.96 -8.46
CA THR A 49 1.22 -17.57 -7.12
C THR A 49 0.28 -16.59 -6.41
N ILE A 50 0.31 -16.61 -5.09
CA ILE A 50 -0.52 -15.71 -4.30
C ILE A 50 0.08 -14.31 -4.44
N ASN A 51 1.35 -14.24 -4.81
CA ASN A 51 2.05 -12.97 -4.97
C ASN A 51 1.36 -12.07 -6.02
N ALA A 52 0.36 -12.61 -6.70
CA ALA A 52 -0.38 -11.87 -7.70
C ALA A 52 -1.67 -11.33 -7.11
N ASN A 53 -2.17 -12.04 -6.09
CA ASN A 53 -3.41 -11.64 -5.44
C ASN A 53 -3.21 -11.25 -3.97
N LEU A 54 -2.08 -10.60 -3.66
CA LEU A 54 -1.80 -10.19 -2.30
C LEU A 54 -2.85 -9.22 -1.77
N THR A 55 -3.25 -8.22 -2.56
CA THR A 55 -4.25 -7.29 -2.05
C THR A 55 -5.56 -8.03 -1.91
N ASP A 56 -5.66 -9.15 -2.61
CA ASP A 56 -6.86 -9.95 -2.54
C ASP A 56 -6.84 -10.64 -1.18
N LEU A 57 -5.64 -10.95 -0.69
CA LEU A 57 -5.54 -11.58 0.60
C LEU A 57 -5.92 -10.58 1.68
N GLN A 58 -5.54 -9.33 1.49
CA GLN A 58 -5.83 -8.27 2.45
C GLN A 58 -7.31 -7.91 2.41
N ALA A 59 -7.89 -7.90 1.21
CA ALA A 59 -9.31 -7.59 1.07
C ALA A 59 -10.16 -8.60 1.85
N ARG A 60 -9.73 -9.86 1.91
CA ARG A 60 -10.47 -10.89 2.67
C ARG A 60 -10.29 -10.59 4.17
N ALA A 61 -9.09 -10.19 4.57
CA ALA A 61 -8.82 -9.84 5.96
C ALA A 61 -9.68 -8.65 6.36
N LEU A 62 -9.98 -7.80 5.40
CA LEU A 62 -10.79 -6.60 5.65
C LEU A 62 -12.30 -6.79 5.50
N GLY A 63 -12.72 -7.68 4.62
CA GLY A 63 -14.15 -7.88 4.43
C GLY A 63 -14.70 -6.80 3.50
N ILE A 64 -13.82 -5.99 2.91
CA ILE A 64 -14.24 -4.93 2.00
C ILE A 64 -14.15 -5.36 0.52
N PRO A 65 -15.20 -5.09 -0.29
CA PRO A 65 -15.17 -5.48 -1.70
C PRO A 65 -13.95 -4.95 -2.44
N LEU A 66 -13.33 -5.79 -3.24
CA LEU A 66 -12.16 -5.40 -4.00
C LEU A 66 -12.47 -5.34 -5.49
N VAL A 67 -12.08 -4.25 -6.14
CA VAL A 67 -12.29 -4.13 -7.57
C VAL A 67 -10.93 -4.19 -8.23
N LYS A 68 -10.77 -5.12 -9.18
CA LYS A 68 -9.49 -5.24 -9.83
C LYS A 68 -9.59 -4.91 -11.33
N GLY A 69 -8.76 -3.95 -11.75
CA GLY A 69 -8.73 -3.53 -13.14
C GLY A 69 -7.51 -4.12 -13.85
N PHE A 70 -7.53 -4.08 -15.17
CA PHE A 70 -6.45 -4.65 -15.98
C PHE A 70 -6.03 -3.71 -17.10
N THR A 71 -4.72 -3.66 -17.36
CA THR A 71 -4.18 -2.78 -18.39
C THR A 71 -2.84 -3.31 -18.91
N LYS A 77 -0.73 4.45 -20.66
CA LYS A 77 -2.11 4.89 -20.75
C LYS A 77 -2.96 4.33 -19.63
N GLU A 78 -2.33 3.98 -18.51
CA GLU A 78 -3.03 3.42 -17.37
C GLU A 78 -4.08 4.40 -16.86
N VAL A 79 -3.96 5.67 -17.23
CA VAL A 79 -4.91 6.68 -16.80
C VAL A 79 -6.28 6.37 -17.37
N GLU A 80 -6.32 6.01 -18.65
CA GLU A 80 -7.57 5.71 -19.33
C GLU A 80 -8.22 4.47 -18.72
N ASP A 81 -7.41 3.46 -18.39
CA ASP A 81 -7.92 2.23 -17.79
C ASP A 81 -8.48 2.49 -16.38
N LEU A 82 -7.76 3.29 -15.60
CA LEU A 82 -8.18 3.63 -14.25
C LEU A 82 -9.53 4.34 -14.28
N LYS A 83 -9.62 5.38 -15.12
CA LYS A 83 -10.85 6.15 -15.26
C LYS A 83 -12.00 5.25 -15.69
N ARG A 84 -11.69 4.28 -16.53
CA ARG A 84 -12.70 3.35 -17.02
C ARG A 84 -13.23 2.52 -15.87
N VAL A 85 -12.32 2.07 -15.02
CA VAL A 85 -12.73 1.28 -13.86
C VAL A 85 -13.56 2.12 -12.89
N LEU A 86 -12.98 3.23 -12.45
CA LEU A 86 -13.65 4.12 -11.51
C LEU A 86 -14.97 4.70 -12.01
N SER A 87 -15.12 4.80 -13.32
CA SER A 87 -16.34 5.34 -13.89
C SER A 87 -17.51 4.38 -13.74
N GLY A 88 -17.22 3.12 -13.43
CA GLY A 88 -18.31 2.15 -13.27
C GLY A 88 -18.79 2.01 -11.84
N LEU A 89 -18.22 2.81 -10.94
CA LEU A 89 -18.56 2.75 -9.52
C LEU A 89 -19.39 3.95 -9.03
N LYS A 90 -20.36 3.68 -8.16
CA LYS A 90 -21.20 4.73 -7.59
C LYS A 90 -20.50 5.38 -6.41
N ILE A 91 -19.52 6.22 -6.72
CA ILE A 91 -18.76 6.92 -5.70
C ILE A 91 -18.74 8.42 -5.95
N GLN A 92 -18.32 9.17 -4.94
CA GLN A 92 -18.25 10.63 -5.05
C GLN A 92 -16.80 11.08 -5.09
N GLY A 93 -15.92 10.30 -4.49
CA GLY A 93 -14.52 10.69 -4.49
C GLY A 93 -13.57 9.52 -4.49
N ILE A 94 -12.29 9.85 -4.63
CA ILE A 94 -11.22 8.86 -4.64
C ILE A 94 -10.29 9.12 -3.45
N VAL A 95 -9.94 8.07 -2.71
CA VAL A 95 -9.05 8.22 -1.58
C VAL A 95 -7.69 7.63 -1.92
N ALA A 96 -6.65 8.46 -1.82
CA ALA A 96 -5.29 8.01 -2.09
C ALA A 96 -4.44 8.52 -0.93
N GLY A 97 -3.35 7.83 -0.63
CA GLY A 97 -2.51 8.25 0.47
C GLY A 97 -1.72 9.50 0.15
N ALA A 98 -1.32 10.24 1.18
CA ALA A 98 -0.56 11.48 1.01
C ALA A 98 0.88 11.22 0.59
N LEU A 99 1.23 9.95 0.38
CA LEU A 99 2.58 9.59 -0.02
C LEU A 99 2.63 9.12 -1.48
N ALA A 100 1.52 9.24 -2.18
CA ALA A 100 1.47 8.82 -3.59
C ALA A 100 2.59 9.52 -4.37
N SER A 101 3.15 8.82 -5.36
CA SER A 101 4.22 9.37 -6.19
C SER A 101 3.86 10.76 -6.72
N LYS A 102 4.87 11.62 -6.91
CA LYS A 102 4.62 12.98 -7.41
C LYS A 102 3.93 12.92 -8.77
N TYR A 103 4.09 11.79 -9.47
CA TYR A 103 3.47 11.62 -10.76
C TYR A 103 2.08 11.03 -10.56
N GLN A 104 1.99 10.05 -9.65
CA GLN A 104 0.74 9.39 -9.32
C GLN A 104 -0.35 10.41 -9.01
N ARG A 105 -0.01 11.43 -8.24
CA ARG A 105 -0.98 12.45 -7.87
C ARG A 105 -1.56 13.17 -9.09
N LYS A 106 -0.75 13.33 -10.12
CA LYS A 106 -1.20 13.99 -11.34
C LYS A 106 -2.26 13.17 -12.07
N ARG A 107 -2.04 11.85 -12.13
CA ARG A 107 -3.00 10.98 -12.79
C ARG A 107 -4.31 11.00 -12.01
N ILE A 108 -4.20 10.89 -10.70
CA ILE A 108 -5.36 10.87 -9.82
C ILE A 108 -6.16 12.16 -10.02
N GLU A 109 -5.47 13.29 -9.98
CA GLU A 109 -6.12 14.58 -10.18
C GLU A 109 -6.80 14.65 -11.55
N LYS A 110 -6.13 14.14 -12.58
CA LYS A 110 -6.67 14.17 -13.94
C LYS A 110 -7.96 13.34 -14.06
N VAL A 111 -7.89 12.06 -13.70
CA VAL A 111 -9.07 11.20 -13.79
C VAL A 111 -10.17 11.72 -12.89
N ALA A 112 -9.82 12.14 -11.68
CA ALA A 112 -10.80 12.65 -10.75
C ALA A 112 -11.59 13.81 -11.35
N LYS A 113 -10.87 14.82 -11.82
CA LYS A 113 -11.50 15.99 -12.44
C LYS A 113 -12.40 15.59 -13.60
N GLU A 114 -11.86 14.80 -14.52
CA GLU A 114 -12.60 14.33 -15.67
C GLU A 114 -13.87 13.55 -15.29
N LEU A 115 -13.84 12.88 -14.13
CA LEU A 115 -15.00 12.12 -13.67
C LEU A 115 -15.86 12.92 -12.70
N GLY A 116 -15.38 14.08 -12.30
CA GLY A 116 -16.12 14.92 -11.37
C GLY A 116 -16.15 14.30 -9.99
N LEU A 117 -15.02 13.72 -9.61
CA LEU A 117 -14.92 13.07 -8.31
C LEU A 117 -13.99 13.85 -7.40
N GLU A 118 -14.20 13.73 -6.09
CA GLU A 118 -13.36 14.40 -5.12
C GLU A 118 -12.10 13.57 -4.91
N VAL A 119 -11.02 14.23 -4.52
CA VAL A 119 -9.76 13.57 -4.28
C VAL A 119 -9.37 13.72 -2.81
N TYR A 120 -10.03 12.95 -1.94
CA TYR A 120 -9.76 12.98 -0.52
C TYR A 120 -8.40 12.36 -0.25
N THR A 121 -7.56 13.06 0.50
CA THR A 121 -6.22 12.58 0.83
C THR A 121 -5.81 13.09 2.20
N PRO A 122 -5.09 12.25 2.97
CA PRO A 122 -4.65 12.64 4.31
C PRO A 122 -3.86 13.94 4.27
N ALA A 123 -4.27 14.90 5.09
CA ALA A 123 -3.60 16.20 5.15
C ALA A 123 -2.21 16.04 5.77
N ARG A 126 4.02 16.94 6.69
CA ARG A 126 4.36 15.70 5.99
C ARG A 126 5.79 15.28 6.33
N ASP A 127 6.02 14.93 7.60
CA ASP A 127 7.33 14.51 8.08
C ASP A 127 7.46 12.99 8.04
N ALA A 128 8.45 12.51 7.30
CA ALA A 128 8.67 11.07 7.19
C ALA A 128 8.76 10.37 8.55
N LYS A 129 9.68 10.83 9.40
CA LYS A 129 9.85 10.23 10.71
C LYS A 129 8.54 10.16 11.48
N GLU A 130 7.84 11.27 11.55
CA GLU A 130 6.57 11.34 12.26
C GLU A 130 5.58 10.33 11.70
N TYR A 131 5.49 10.29 10.37
CA TYR A 131 4.57 9.41 9.69
C TYR A 131 4.85 7.95 10.01
N MSE A 132 6.11 7.56 9.88
CA MSE A 132 6.51 6.20 10.12
C MSE A 132 6.22 5.78 11.57
O MSE A 132 5.79 4.65 11.83
CB MSE A 132 7.99 6.03 9.80
CG MSE A 132 8.33 4.78 9.04
SE MSE A 132 7.40 4.54 7.32
CE MSE A 132 7.33 6.40 6.81
N ARG A 133 6.43 6.70 12.49
CA ARG A 133 6.19 6.44 13.90
C ARG A 133 4.70 6.27 14.15
N GLU A 134 3.89 7.06 13.45
CA GLU A 134 2.44 6.98 13.62
C GLU A 134 1.92 5.62 13.20
N LEU A 135 2.48 5.07 12.13
CA LEU A 135 2.04 3.76 11.64
C LEU A 135 2.32 2.68 12.67
N LEU A 136 3.48 2.75 13.29
CA LEU A 136 3.83 1.74 14.29
C LEU A 136 2.90 1.88 15.49
N ASN A 137 2.70 3.11 15.95
CA ASN A 137 1.83 3.31 17.09
C ASN A 137 0.39 2.91 16.79
N LEU A 138 0.01 2.92 15.53
CA LEU A 138 -1.36 2.52 15.18
C LEU A 138 -1.48 1.01 15.08
N GLY A 139 -0.39 0.30 15.29
CA GLY A 139 -0.43 -1.15 15.20
C GLY A 139 -0.18 -1.70 13.80
N PHE A 140 0.45 -0.92 12.92
CA PHE A 140 0.71 -1.44 11.59
C PHE A 140 1.86 -2.45 11.59
N LYS A 141 1.62 -3.58 10.96
CA LYS A 141 2.58 -4.65 10.83
C LYS A 141 3.00 -4.57 9.36
N ILE A 142 4.18 -4.01 9.10
CA ILE A 142 4.66 -3.80 7.73
C ILE A 142 5.88 -4.63 7.35
N MSE A 143 5.80 -5.36 6.25
CA MSE A 143 6.94 -6.18 5.80
C MSE A 143 7.54 -5.56 4.53
O MSE A 143 6.82 -5.04 3.66
CB MSE A 143 6.49 -7.63 5.55
CG MSE A 143 7.58 -8.55 4.98
SE MSE A 143 6.95 -10.38 4.52
CE MSE A 143 6.26 -10.11 2.74
N VAL A 144 8.87 -5.58 4.44
CA VAL A 144 9.56 -5.03 3.27
C VAL A 144 9.54 -6.09 2.18
N VAL A 145 9.04 -5.74 1.00
CA VAL A 145 9.02 -6.71 -0.08
C VAL A 145 9.75 -6.18 -1.30
N GLY A 146 10.19 -4.93 -1.21
CA GLY A 146 10.90 -4.33 -2.32
C GLY A 146 12.04 -3.47 -1.83
N VAL A 147 13.10 -3.38 -2.63
CA VAL A 147 14.25 -2.57 -2.27
C VAL A 147 14.94 -2.09 -3.55
N SER A 148 15.31 -0.82 -3.59
CA SER A 148 15.96 -0.25 -4.77
C SER A 148 16.76 0.98 -4.38
N ALA A 149 17.65 0.83 -3.41
CA ALA A 149 18.45 1.94 -2.95
C ALA A 149 19.72 1.46 -2.27
N TYR A 150 20.81 2.15 -2.50
CA TYR A 150 22.10 1.79 -1.91
C TYR A 150 22.04 1.97 -0.39
N GLY A 151 22.64 1.04 0.33
CA GLY A 151 22.63 1.11 1.78
C GLY A 151 21.56 0.18 2.32
N LEU A 152 20.88 -0.52 1.41
CA LEU A 152 19.84 -1.48 1.79
C LEU A 152 20.13 -2.81 1.12
N ASP A 153 20.84 -3.68 1.82
CA ASP A 153 21.17 -4.99 1.29
C ASP A 153 19.93 -5.88 1.25
N GLU A 154 20.04 -7.00 0.54
CA GLU A 154 18.93 -7.93 0.42
C GLU A 154 18.44 -8.43 1.78
N SER A 155 19.21 -8.17 2.81
CA SER A 155 18.84 -8.58 4.17
C SER A 155 17.55 -7.91 4.62
N TRP A 156 17.24 -6.75 4.03
CA TRP A 156 16.05 -6.00 4.39
C TRP A 156 14.75 -6.62 3.87
N LEU A 157 14.89 -7.40 2.80
CA LEU A 157 13.75 -8.08 2.19
C LEU A 157 13.15 -9.06 3.19
N GLY A 158 11.82 -9.09 3.22
CA GLY A 158 11.12 -9.98 4.13
C GLY A 158 11.22 -9.57 5.59
N ARG A 159 11.92 -8.48 5.86
CA ARG A 159 12.07 -8.02 7.24
C ARG A 159 10.91 -7.13 7.66
N ILE A 160 10.47 -7.28 8.90
CA ILE A 160 9.38 -6.48 9.40
C ILE A 160 9.92 -5.21 10.05
N LEU A 161 9.16 -4.13 9.96
CA LEU A 161 9.59 -2.86 10.53
C LEU A 161 9.03 -2.62 11.91
N ASP A 162 9.89 -2.14 12.80
CA ASP A 162 9.50 -1.82 14.18
C ASP A 162 10.36 -0.66 14.67
N GLU A 163 10.16 -0.27 15.93
CA GLU A 163 10.93 0.83 16.51
C GLU A 163 12.42 0.61 16.33
N SER A 164 12.81 -0.63 16.11
CA SER A 164 14.21 -0.98 15.92
C SER A 164 14.64 -0.70 14.49
N ALA A 165 13.85 -1.22 13.55
CA ALA A 165 14.12 -1.05 12.13
C ALA A 165 14.01 0.41 11.72
N LEU A 166 13.18 1.16 12.43
CA LEU A 166 13.00 2.57 12.13
C LEU A 166 14.31 3.30 12.38
N GLU A 167 14.97 2.94 13.49
CA GLU A 167 16.25 3.56 13.83
C GLU A 167 17.26 3.32 12.72
N GLU A 168 17.42 2.07 12.31
CA GLU A 168 18.35 1.73 11.25
C GLU A 168 18.04 2.48 9.97
N LEU A 169 16.77 2.82 9.76
CA LEU A 169 16.36 3.57 8.57
C LEU A 169 16.81 5.01 8.74
N ILE A 170 16.55 5.57 9.91
CA ILE A 170 16.94 6.94 10.21
C ILE A 170 18.47 7.06 10.20
N THR A 171 19.14 6.05 10.74
CA THR A 171 20.60 6.07 10.78
C THR A 171 21.13 5.96 9.36
N LEU A 172 20.46 5.18 8.54
CA LEU A 172 20.86 5.01 7.14
C LEU A 172 20.59 6.29 6.37
N ASN A 173 19.50 6.95 6.71
CA ASN A 173 19.12 8.21 6.07
C ASN A 173 20.18 9.29 6.32
N GLU A 174 20.55 9.44 7.58
CA GLU A 174 21.57 10.42 7.97
C GLU A 174 22.96 10.01 7.51
N LYS A 175 23.03 9.23 6.43
CA LYS A 175 24.29 8.76 5.87
C LYS A 175 24.18 8.64 4.35
N TYR A 176 23.39 7.67 3.88
CA TYR A 176 23.20 7.47 2.45
C TYR A 176 22.03 8.30 1.91
N LYS A 177 21.36 9.00 2.81
CA LYS A 177 20.22 9.85 2.47
C LYS A 177 19.01 9.08 1.92
N VAL A 178 18.81 7.86 2.41
CA VAL A 178 17.68 7.03 1.98
C VAL A 178 16.41 7.50 2.67
N HIS A 179 15.38 7.80 1.90
CA HIS A 179 14.13 8.28 2.50
C HIS A 179 13.60 7.36 3.58
N VAL A 180 13.13 7.97 4.67
CA VAL A 180 12.59 7.22 5.80
C VAL A 180 11.28 6.52 5.44
N ALA A 181 10.47 7.14 4.58
CA ALA A 181 9.18 6.56 4.17
C ALA A 181 9.28 5.92 2.80
N GLY A 182 10.50 5.58 2.39
CA GLY A 182 10.72 4.96 1.10
C GLY A 182 10.05 5.73 -0.03
N GLU A 183 9.71 6.98 0.24
CA GLU A 183 9.07 7.83 -0.74
C GLU A 183 10.00 8.08 -1.91
N GLY A 184 9.71 7.42 -3.04
CA GLY A 184 10.53 7.55 -4.24
C GLY A 184 11.13 6.25 -4.77
N GLY A 185 10.57 5.11 -4.34
CA GLY A 185 11.07 3.82 -4.78
C GLY A 185 12.16 3.22 -3.91
N GLU A 186 12.47 3.86 -2.79
CA GLU A 186 13.52 3.36 -1.91
C GLU A 186 13.26 1.90 -1.53
N PHE A 187 12.01 1.59 -1.22
CA PHE A 187 11.62 0.24 -0.86
C PHE A 187 10.10 0.08 -0.89
N GLU A 188 9.63 -1.11 -1.22
CA GLU A 188 8.19 -1.42 -1.31
C GLU A 188 7.76 -2.15 -0.05
N THR A 189 6.50 -2.02 0.35
CA THR A 189 6.05 -2.72 1.54
C THR A 189 4.75 -3.47 1.32
N PHE A 190 4.40 -4.30 2.29
CA PHE A 190 3.18 -5.10 2.27
C PHE A 190 2.69 -5.19 3.71
N VAL A 191 1.45 -4.76 3.96
CA VAL A 191 0.89 -4.78 5.31
C VAL A 191 0.25 -6.12 5.68
N LEU A 192 0.80 -6.76 6.71
CA LEU A 192 0.31 -8.06 7.14
C LEU A 192 -0.79 -7.92 8.17
N ASP A 193 -0.89 -6.75 8.78
CA ASP A 193 -1.90 -6.56 9.79
C ASP A 193 -2.01 -5.09 10.17
N MSE A 194 -3.21 -4.70 10.56
CA MSE A 194 -3.50 -3.34 10.97
C MSE A 194 -4.82 -3.46 11.73
O MSE A 194 -5.53 -4.46 11.60
CB MSE A 194 -3.68 -2.44 9.76
CG MSE A 194 -5.01 -2.64 9.07
SE MSE A 194 -5.60 -0.99 8.33
CE MSE A 194 -6.32 -1.66 6.67
N PRO A 195 -5.18 -2.43 12.52
CA PRO A 195 -6.42 -2.45 13.31
C PRO A 195 -7.70 -2.83 12.58
N LEU A 196 -7.79 -2.51 11.28
CA LEU A 196 -8.99 -2.85 10.54
C LEU A 196 -9.00 -4.31 10.08
N PHE A 197 -7.85 -4.97 10.02
CA PHE A 197 -7.86 -6.36 9.59
C PHE A 197 -8.61 -7.21 10.60
N LYS A 198 -9.48 -8.10 10.12
CA LYS A 198 -10.22 -9.01 10.99
C LYS A 198 -9.37 -10.26 11.15
N TYR A 199 -8.46 -10.46 10.19
CA TYR A 199 -7.55 -11.59 10.19
C TYR A 199 -6.14 -11.06 9.94
N LYS A 200 -5.15 -11.78 10.47
CA LYS A 200 -3.76 -11.43 10.32
C LYS A 200 -3.19 -12.23 9.14
N ILE A 201 -2.22 -11.66 8.41
CA ILE A 201 -1.60 -12.35 7.30
C ILE A 201 -0.26 -12.86 7.76
N VAL A 202 -0.02 -14.16 7.56
CA VAL A 202 1.22 -14.80 7.96
C VAL A 202 1.93 -15.35 6.72
N VAL A 203 3.19 -14.97 6.55
CA VAL A 203 3.96 -15.45 5.41
C VAL A 203 4.61 -16.77 5.77
N ASP A 204 4.27 -17.83 5.05
CA ASP A 204 4.83 -19.14 5.33
C ASP A 204 6.13 -19.39 4.56
N LYS A 205 6.21 -18.88 3.34
CA LYS A 205 7.39 -19.08 2.51
C LYS A 205 7.55 -17.91 1.54
N ALA A 206 8.68 -17.22 1.61
CA ALA A 206 8.90 -16.09 0.73
C ALA A 206 10.07 -16.29 -0.22
N LYS A 207 11.29 -16.27 0.32
CA LYS A 207 12.48 -16.45 -0.52
C LYS A 207 12.78 -15.20 -1.38
N LYS A 208 13.91 -14.55 -1.07
CA LYS A 208 14.36 -13.35 -1.77
C LYS A 208 14.91 -13.63 -3.16
N VAL A 209 15.03 -12.60 -3.98
CA VAL A 209 15.56 -12.76 -5.33
C VAL A 209 16.89 -12.02 -5.46
N THR A 214 22.23 -2.72 -10.02
CA THR A 214 21.68 -1.85 -9.00
C THR A 214 21.29 -2.68 -7.78
N SER A 215 21.25 -2.03 -6.61
CA SER A 215 20.89 -2.72 -5.37
C SER A 215 19.39 -2.99 -5.34
N SER A 216 18.86 -3.57 -6.41
CA SER A 216 17.43 -3.87 -6.50
C SER A 216 17.08 -5.23 -5.92
N GLY A 217 16.22 -5.21 -4.91
CA GLY A 217 15.80 -6.45 -4.27
C GLY A 217 14.31 -6.64 -4.44
N LYS A 218 13.84 -7.87 -4.28
CA LYS A 218 12.44 -8.16 -4.43
C LYS A 218 12.08 -9.45 -3.71
N LEU A 219 11.02 -9.43 -2.92
CA LEU A 219 10.57 -10.61 -2.18
C LEU A 219 9.32 -11.18 -2.83
N ILE A 220 9.40 -12.41 -3.33
CA ILE A 220 8.24 -13.04 -3.95
C ILE A 220 7.60 -13.99 -2.92
N ILE A 221 6.40 -13.63 -2.46
CA ILE A 221 5.69 -14.44 -1.48
C ILE A 221 5.10 -15.67 -2.17
N GLU A 222 5.47 -16.85 -1.68
CA GLU A 222 4.99 -18.11 -2.24
C GLU A 222 3.88 -18.74 -1.42
N GLU A 223 4.02 -18.69 -0.09
CA GLU A 223 3.01 -19.25 0.80
C GLU A 223 2.59 -18.24 1.86
N ALA A 224 1.29 -18.09 2.01
CA ALA A 224 0.70 -17.16 2.98
C ALA A 224 -0.72 -17.56 3.38
N HIS A 225 -1.17 -17.15 4.56
CA HIS A 225 -2.53 -17.46 4.99
C HIS A 225 -3.06 -16.47 6.02
N LEU A 226 -4.38 -16.50 6.24
CA LEU A 226 -5.02 -15.63 7.22
C LEU A 226 -5.19 -16.37 8.54
N GLU A 227 -5.10 -15.64 9.64
CA GLU A 227 -5.26 -16.22 10.97
C GLU A 227 -6.16 -15.26 11.72
N SER A 228 -7.15 -15.81 12.41
CA SER A 228 -8.09 -14.98 13.15
C SER A 228 -7.40 -14.13 14.20
N LYS A 229 -7.97 -12.99 14.51
CA LYS A 229 -7.36 -12.12 15.51
C LYS A 229 -8.18 -12.18 16.80
N LEU A 230 -7.58 -11.72 17.90
CA LEU A 230 -8.25 -11.72 19.20
C LEU A 230 -9.73 -11.33 19.11
N GLU A 231 -10.02 -10.23 18.41
CA GLU A 231 -11.38 -9.74 18.25
C GLU A 231 -12.03 -9.53 19.63
P AMP B . 1.88 1.82 -0.97
O1P AMP B . 2.20 2.39 0.36
O2P AMP B . 0.64 0.81 -0.85
O3P AMP B . 3.19 1.06 -1.52
O5' AMP B . 1.56 2.99 -2.04
C5' AMP B . 0.37 3.64 -1.62
C4' AMP B . 0.02 4.76 -2.60
O4' AMP B . -0.17 4.23 -3.94
C3' AMP B . -1.29 5.38 -2.16
O3' AMP B . -1.06 6.63 -1.47
C2' AMP B . -2.13 5.53 -3.44
O2' AMP B . -2.51 6.89 -3.68
C1' AMP B . -1.22 4.99 -4.57
N9 AMP B . -1.98 4.14 -5.52
C8 AMP B . -2.41 2.84 -5.32
N7 AMP B . -3.04 2.40 -6.38
C5 AMP B . -3.08 3.37 -7.32
C6 AMP B . -3.61 3.50 -8.64
N6 AMP B . -4.29 2.46 -9.24
N1 AMP B . -3.44 4.68 -9.29
C2 AMP B . -2.80 5.71 -8.74
N3 AMP B . -2.29 5.63 -7.52
C4 AMP B . -2.39 4.50 -6.78
#